data_4LOA
#
_entry.id   4LOA
#
_cell.length_a   34.485
_cell.length_b   44.335
_cell.length_c   57.515
_cell.angle_alpha   71.070
_cell.angle_beta   75.970
_cell.angle_gamma   86.860
#
_symmetry.space_group_name_H-M   'P 1'
#
loop_
_entity.id
_entity.type
_entity.pdbx_description
1 polymer 'De-novo design amidase'
2 non-polymer 'CHLORIDE ION'
3 non-polymer DI(HYDROXYETHYL)ETHER
4 water water
#
_entity_poly.entity_id   1
_entity_poly.type   'polypeptide(L)'
_entity_poly.pdbx_seq_one_letter_code
;(MSE)SLAKNIVFIGESGSGKSTLARALAKDLDLVFLDSDFLIEQKFNQKASEIWEQYGWNFALEQEQK(MSE)ADFFSS
CEKACIATSGSFVNVSNLEKAGFCIYLKADFEYLKKRLDKDEISKFPLFSDEIKWKKHYNETLSKYEQKANFILNIENKN
IDELLSEIKKVIKLEHHHHHH
;
_entity_poly.pdbx_strand_id   A,B
#
# COMPACT_ATOMS: atom_id res chain seq x y z
N SER A 2 5.07 3.14 22.82
CA SER A 2 3.97 2.19 22.80
C SER A 2 4.22 1.10 21.78
N LEU A 3 3.19 0.28 21.54
CA LEU A 3 3.27 -0.81 20.60
C LEU A 3 2.32 -0.60 19.43
N ALA A 4 1.76 0.60 19.33
CA ALA A 4 0.97 0.98 18.16
C ALA A 4 1.91 1.07 16.97
N LYS A 5 1.59 0.35 15.91
CA LYS A 5 2.51 0.24 14.79
C LYS A 5 2.27 1.30 13.72
N ASN A 6 1.05 1.81 13.65
CA ASN A 6 0.66 2.73 12.59
C ASN A 6 -0.18 3.86 13.13
N ILE A 7 -0.31 4.91 12.33
CA ILE A 7 -1.32 5.95 12.55
C ILE A 7 -2.45 5.73 11.56
N VAL A 8 -3.66 5.57 12.06
CA VAL A 8 -4.77 5.15 11.21
C VAL A 8 -5.87 6.21 11.23
N PHE A 9 -6.14 6.79 10.07
CA PHE A 9 -7.23 7.76 9.93
C PHE A 9 -8.54 7.10 9.53
N ILE A 10 -9.57 7.34 10.35
CA ILE A 10 -10.89 6.78 10.11
C ILE A 10 -11.92 7.91 10.06
N GLY A 11 -13.02 7.66 9.35
CA GLY A 11 -14.09 8.63 9.23
C GLY A 11 -14.77 8.52 7.88
N GLU A 12 -15.79 9.36 7.69
CA GLU A 12 -16.58 9.30 6.46
C GLU A 12 -15.84 9.90 5.27
N SER A 13 -16.32 9.62 4.07
CA SER A 13 -15.82 10.27 2.88
C SER A 13 -16.11 11.76 2.96
N GLY A 14 -15.11 12.56 2.66
CA GLY A 14 -15.23 14.00 2.77
C GLY A 14 -14.53 14.51 4.01
N SER A 15 -14.05 13.60 4.85
CA SER A 15 -13.44 14.05 6.10
C SER A 15 -11.96 14.38 5.93
N GLY A 16 -11.40 14.11 4.74
CA GLY A 16 -10.04 14.52 4.46
C GLY A 16 -8.97 13.52 4.88
N LYS A 17 -9.33 12.23 4.93
CA LYS A 17 -8.41 11.21 5.43
C LYS A 17 -7.20 11.06 4.53
N SER A 18 -7.42 11.10 3.21
CA SER A 18 -6.33 10.88 2.28
C SER A 18 -5.31 12.02 2.34
N THR A 19 -5.81 13.25 2.32
CA THR A 19 -4.94 14.41 2.36
C THR A 19 -4.13 14.50 3.64
N LEU A 20 -4.78 14.26 4.80
CA LEU A 20 -4.08 14.37 6.08
C LEU A 20 -3.09 13.22 6.30
N ALA A 21 -3.45 12.02 5.88
CA ALA A 21 -2.54 10.89 6.06
C ALA A 21 -1.29 11.09 5.21
N ARG A 22 -1.46 11.61 4.00
CA ARG A 22 -0.30 11.79 3.13
C ARG A 22 0.59 12.88 3.72
N ALA A 23 -0.03 13.98 4.16
CA ALA A 23 0.75 15.07 4.76
C ALA A 23 1.51 14.64 6.01
N LEU A 24 0.84 13.91 6.89
CA LEU A 24 1.49 13.42 8.10
C LEU A 24 2.58 12.39 7.81
N ALA A 25 2.35 11.54 6.81
CA ALA A 25 3.34 10.54 6.40
C ALA A 25 4.62 11.23 5.97
N LYS A 26 4.47 12.29 5.17
CA LYS A 26 5.64 13.06 4.76
C LYS A 26 6.36 13.73 5.95
N ASP A 27 5.60 14.33 6.84
CA ASP A 27 6.18 15.07 7.95
C ASP A 27 6.83 14.18 9.01
N LEU A 28 6.24 13.03 9.29
CA LEU A 28 6.80 12.12 10.28
C LEU A 28 7.71 11.07 9.64
N ASP A 29 7.77 11.10 8.31
CA ASP A 29 8.63 10.17 7.54
C ASP A 29 8.16 8.70 7.69
N LEU A 30 6.90 8.46 7.33
CA LEU A 30 6.28 7.15 7.41
C LEU A 30 5.79 6.74 6.03
N VAL A 31 5.44 5.47 5.88
CA VAL A 31 4.82 4.98 4.64
C VAL A 31 3.36 5.42 4.55
N PHE A 32 2.98 6.05 3.44
CA PHE A 32 1.59 6.46 3.21
C PHE A 32 0.79 5.35 2.50
N LEU A 33 -0.27 4.86 3.13
CA LEU A 33 -1.16 3.89 2.51
C LEU A 33 -2.57 4.45 2.38
N ASP A 34 -3.12 4.40 1.17
CA ASP A 34 -4.48 4.85 0.95
C ASP A 34 -5.27 3.63 0.51
N SER A 35 -6.26 3.23 1.30
CA SER A 35 -7.05 2.04 1.03
C SER A 35 -7.61 1.98 -0.39
N ASP A 36 -8.36 3.00 -0.78
CA ASP A 36 -8.97 3.05 -2.11
C ASP A 36 -7.94 2.97 -3.25
N PHE A 37 -6.80 3.65 -3.07
CA PHE A 37 -5.73 3.59 -4.09
C PHE A 37 -5.22 2.16 -4.19
N LEU A 38 -5.03 1.51 -3.05
CA LEU A 38 -4.46 0.14 -3.08
C LEU A 38 -5.41 -0.83 -3.77
N ILE A 39 -6.69 -0.71 -3.48
CA ILE A 39 -7.68 -1.57 -4.12
C ILE A 39 -7.73 -1.32 -5.62
N GLU A 40 -7.70 -0.04 -6.00
CA GLU A 40 -7.76 0.32 -7.42
C GLU A 40 -6.51 -0.09 -8.22
N GLN A 41 -5.33 -0.05 -7.61
N GLN A 41 -5.34 -0.01 -7.59
CA GLN A 41 -4.14 -0.49 -8.32
CA GLN A 41 -4.09 -0.49 -8.20
C GLN A 41 -4.08 -2.01 -8.47
C GLN A 41 -4.20 -1.98 -8.51
N LYS A 42 -4.69 -2.73 -7.54
CA LYS A 42 -4.76 -4.20 -7.62
C LYS A 42 -5.69 -4.69 -8.74
N PHE A 43 -6.86 -4.06 -8.87
CA PHE A 43 -7.88 -4.52 -9.81
C PHE A 43 -7.88 -3.69 -11.09
N ASN A 44 -7.09 -2.62 -11.10
CA ASN A 44 -7.04 -1.69 -12.23
C ASN A 44 -8.45 -1.25 -12.61
N GLN A 45 -9.20 -0.83 -11.59
CA GLN A 45 -10.61 -0.55 -11.71
C GLN A 45 -10.98 0.36 -10.54
N LYS A 46 -11.90 1.31 -10.74
CA LYS A 46 -12.36 2.14 -9.64
C LYS A 46 -12.99 1.26 -8.58
N ALA A 47 -12.81 1.63 -7.32
CA ALA A 47 -13.30 0.84 -6.20
C ALA A 47 -14.80 0.60 -6.26
N SER A 48 -15.50 1.47 -6.99
CA SER A 48 -16.93 1.35 -7.16
C SER A 48 -17.28 0.23 -8.15
N GLU A 49 -16.55 0.17 -9.24
CA GLU A 49 -16.79 -0.81 -10.30
C GLU A 49 -16.59 -2.24 -9.80
N ILE A 50 -15.77 -2.37 -8.76
CA ILE A 50 -15.51 -3.67 -8.16
C ILE A 50 -16.73 -4.18 -7.39
N TRP A 51 -17.46 -3.26 -6.75
CA TRP A 51 -18.71 -3.61 -6.10
C TRP A 51 -19.70 -4.21 -7.08
N GLU A 52 -19.67 -3.73 -8.32
CA GLU A 52 -20.61 -4.15 -9.35
C GLU A 52 -20.23 -5.46 -10.02
N GLN A 53 -18.92 -5.68 -10.21
CA GLN A 53 -18.47 -6.89 -10.89
C GLN A 53 -18.47 -8.12 -9.99
N TYR A 54 -18.03 -7.94 -8.75
CA TYR A 54 -18.02 -9.04 -7.79
C TYR A 54 -19.18 -8.79 -6.83
N GLY A 55 -19.38 -9.70 -5.88
CA GLY A 55 -20.45 -9.48 -4.91
C GLY A 55 -20.15 -8.39 -3.91
N TRP A 56 -21.19 -7.82 -3.30
CA TRP A 56 -20.98 -6.87 -2.22
C TRP A 56 -20.22 -7.57 -1.11
N ASN A 57 -20.41 -8.88 -1.03
CA ASN A 57 -19.69 -9.72 -0.07
C ASN A 57 -18.22 -9.86 -0.42
N PHE A 58 -17.89 -9.90 -1.72
CA PHE A 58 -16.50 -9.91 -2.14
C PHE A 58 -15.82 -8.58 -1.81
N ALA A 59 -16.53 -7.49 -2.07
CA ALA A 59 -16.02 -6.15 -1.75
C ALA A 59 -15.74 -6.00 -0.26
N LEU A 60 -16.67 -6.47 0.58
CA LEU A 60 -16.47 -6.43 2.02
C LEU A 60 -15.31 -7.33 2.40
N GLU A 61 -15.13 -8.42 1.67
CA GLU A 61 -13.99 -9.31 1.87
C GLU A 61 -12.68 -8.62 1.52
N GLN A 62 -12.69 -7.80 0.47
CA GLN A 62 -11.50 -7.05 0.07
C GLN A 62 -11.19 -5.97 1.09
N GLU A 63 -12.25 -5.39 1.65
CA GLU A 63 -12.09 -4.39 2.68
C GLU A 63 -11.55 -5.08 3.93
N GLN A 64 -12.02 -6.29 4.22
CA GLN A 64 -11.51 -7.02 5.39
C GLN A 64 -10.03 -7.41 5.23
N LYS A 65 -9.66 -7.90 4.05
CA LYS A 65 -8.25 -8.22 3.76
C LYS A 65 -7.35 -7.01 3.87
N ALA A 67 -7.96 -4.40 5.90
CA ALA A 67 -7.85 -4.25 7.35
C ALA A 67 -6.85 -5.21 8.01
N ASP A 68 -6.92 -6.49 7.66
CA ASP A 68 -5.93 -7.49 8.09
C ASP A 68 -4.52 -7.01 7.78
N PHE A 69 -4.35 -6.55 6.55
CA PHE A 69 -3.05 -6.04 6.09
C PHE A 69 -2.58 -4.86 6.95
N PHE A 70 -3.46 -3.89 7.18
CA PHE A 70 -3.12 -2.76 8.06
C PHE A 70 -2.72 -3.26 9.46
N SER A 71 -3.38 -4.29 9.95
CA SER A 71 -3.06 -4.83 11.27
C SER A 71 -1.72 -5.56 11.31
N SER A 72 -1.20 -5.89 10.13
N SER A 72 -1.20 -5.90 10.14
CA SER A 72 0.04 -6.66 10.00
CA SER A 72 0.05 -6.64 10.05
C SER A 72 1.27 -5.78 9.92
C SER A 72 1.25 -5.71 10.02
N CYS A 73 1.15 -4.65 9.24
CA CYS A 73 2.31 -3.82 8.94
C CYS A 73 2.64 -2.82 10.05
N GLU A 74 3.74 -2.10 9.87
CA GLU A 74 4.15 -1.13 10.88
C GLU A 74 4.78 0.10 10.24
N LYS A 75 4.69 1.22 10.94
CA LYS A 75 5.31 2.49 10.54
C LYS A 75 4.68 3.07 9.28
N ALA A 76 3.36 2.90 9.20
CA ALA A 76 2.57 3.49 8.11
C ALA A 76 1.59 4.51 8.65
N CYS A 77 1.14 5.36 7.74
N CYS A 77 1.20 5.45 7.78
CA CYS A 77 0.13 6.36 8.02
CA CYS A 77 0.11 6.39 8.02
C CYS A 77 -1.01 6.07 7.05
C CYS A 77 -0.99 6.01 7.06
N ILE A 78 -2.15 5.66 7.59
CA ILE A 78 -3.14 4.98 6.77
C ILE A 78 -4.43 5.74 6.59
N ALA A 79 -4.83 5.95 5.33
CA ALA A 79 -6.15 6.51 5.05
C ALA A 79 -7.10 5.36 4.71
N THR A 80 -8.03 5.07 5.64
CA THR A 80 -8.95 3.96 5.48
C THR A 80 -10.15 4.37 4.67
N SER A 81 -10.90 3.39 4.18
CA SER A 81 -12.06 3.70 3.35
C SER A 81 -13.30 3.97 4.18
N GLY A 82 -14.39 4.31 3.51
CA GLY A 82 -15.67 4.48 4.18
C GLY A 82 -16.32 3.19 4.67
N SER A 83 -15.78 2.04 4.24
CA SER A 83 -16.27 0.74 4.68
C SER A 83 -15.50 0.21 5.89
N PHE A 84 -14.32 0.77 6.16
CA PHE A 84 -13.40 0.27 7.19
C PHE A 84 -14.06 0.09 8.57
N VAL A 85 -14.99 0.96 8.90
CA VAL A 85 -15.58 0.93 10.22
C VAL A 85 -16.37 -0.38 10.46
N ASN A 86 -16.76 -1.05 9.38
CA ASN A 86 -17.50 -2.30 9.47
C ASN A 86 -16.63 -3.57 9.58
N VAL A 87 -15.33 -3.44 9.38
CA VAL A 87 -14.45 -4.61 9.48
C VAL A 87 -14.32 -5.09 10.93
N SER A 88 -13.74 -6.28 11.10
N SER A 88 -13.74 -6.26 11.09
CA SER A 88 -13.54 -6.85 12.42
CA SER A 88 -13.54 -6.85 12.41
C SER A 88 -12.15 -6.54 12.94
C SER A 88 -12.14 -6.56 12.94
N ASN A 89 -12.06 -6.28 14.24
CA ASN A 89 -10.78 -5.99 14.90
C ASN A 89 -10.01 -4.82 14.29
N LEU A 90 -10.73 -3.76 13.98
CA LEU A 90 -10.12 -2.59 13.33
C LEU A 90 -9.13 -1.86 14.25
N GLU A 91 -9.22 -2.12 15.55
CA GLU A 91 -8.32 -1.48 16.51
C GLU A 91 -6.90 -2.02 16.38
N LYS A 92 -6.78 -3.22 15.81
CA LYS A 92 -5.47 -3.83 15.62
C LYS A 92 -4.65 -3.08 14.58
N ALA A 93 -5.31 -2.25 13.78
CA ALA A 93 -4.64 -1.47 12.74
C ALA A 93 -3.63 -0.45 13.30
N GLY A 94 -3.87 0.06 14.50
CA GLY A 94 -2.95 1.00 15.14
C GLY A 94 -3.61 2.13 15.91
N PHE A 95 -2.94 3.28 16.00
CA PHE A 95 -3.46 4.44 16.73
C PHE A 95 -4.49 5.13 15.84
N CYS A 96 -5.76 5.02 16.19
CA CYS A 96 -6.83 5.53 15.31
C CYS A 96 -7.21 6.95 15.63
N ILE A 97 -7.25 7.76 14.58
CA ILE A 97 -7.65 9.14 14.65
C ILE A 97 -8.92 9.29 13.83
N TYR A 98 -10.01 9.64 14.51
CA TYR A 98 -11.32 9.81 13.88
C TYR A 98 -11.45 11.28 13.45
N LEU A 99 -11.58 11.49 12.15
CA LEU A 99 -11.74 12.83 11.58
C LEU A 99 -13.22 13.09 11.52
N LYS A 100 -13.69 13.86 12.50
CA LYS A 100 -15.11 13.99 12.77
C LYS A 100 -15.66 15.26 12.13
N ALA A 101 -16.84 15.14 11.52
CA ALA A 101 -17.55 16.28 10.98
C ALA A 101 -19.03 15.94 10.98
N ASP A 102 -19.89 16.95 11.02
CA ASP A 102 -21.29 16.61 10.99
C ASP A 102 -21.76 16.38 9.57
N PHE A 103 -22.93 15.77 9.46
CA PHE A 103 -23.52 15.47 8.17
C PHE A 103 -23.63 16.69 7.25
N GLU A 104 -24.11 17.81 7.79
CA GLU A 104 -24.23 19.05 7.02
C GLU A 104 -22.92 19.47 6.40
N TYR A 105 -21.85 19.31 7.18
CA TYR A 105 -20.53 19.77 6.76
C TYR A 105 -20.02 18.88 5.65
N LEU A 106 -20.15 17.57 5.84
CA LEU A 106 -19.68 16.61 4.84
C LEU A 106 -20.46 16.78 3.54
N LYS A 107 -21.74 17.09 3.66
CA LYS A 107 -22.59 17.35 2.50
C LYS A 107 -22.05 18.52 1.68
N LYS A 108 -21.46 19.50 2.35
CA LYS A 108 -20.80 20.60 1.66
C LYS A 108 -19.58 20.11 0.88
N ARG A 109 -18.77 19.27 1.52
CA ARG A 109 -17.52 18.77 0.93
C ARG A 109 -17.74 17.76 -0.20
N LEU A 110 -18.94 17.75 -0.77
CA LEU A 110 -19.22 16.92 -1.93
C LEU A 110 -19.16 17.74 -3.21
N PHE A 118 -27.61 10.32 -3.84
CA PHE A 118 -28.80 10.48 -3.01
C PHE A 118 -29.68 11.62 -3.51
N PRO A 119 -30.21 11.49 -4.75
CA PRO A 119 -30.98 12.61 -5.31
C PRO A 119 -32.38 12.71 -4.71
N LEU A 120 -32.77 11.70 -3.94
CA LEU A 120 -34.13 11.66 -3.41
C LEU A 120 -34.18 11.88 -1.90
N PHE A 121 -35.29 12.45 -1.44
CA PHE A 121 -35.56 12.66 -0.03
C PHE A 121 -35.28 11.38 0.78
N SER A 122 -35.94 10.29 0.38
CA SER A 122 -35.76 8.99 1.02
C SER A 122 -34.30 8.55 1.09
N ASP A 123 -33.56 8.75 0.00
CA ASP A 123 -32.16 8.36 -0.04
C ASP A 123 -31.32 9.16 0.94
N GLU A 124 -31.74 10.40 1.19
CA GLU A 124 -30.97 11.27 2.09
C GLU A 124 -31.23 10.89 3.54
N ILE A 125 -32.48 10.53 3.87
CA ILE A 125 -32.81 10.06 5.22
C ILE A 125 -32.02 8.79 5.52
N LYS A 126 -31.96 7.90 4.53
CA LYS A 126 -31.16 6.68 4.63
C LYS A 126 -29.70 7.00 4.90
N TRP A 127 -29.15 7.93 4.12
CA TRP A 127 -27.76 8.34 4.24
C TRP A 127 -27.50 8.97 5.61
N LYS A 128 -28.42 9.81 6.07
CA LYS A 128 -28.28 10.42 7.39
C LYS A 128 -28.34 9.37 8.49
N LYS A 129 -29.27 8.42 8.34
CA LYS A 129 -29.39 7.29 9.24
C LYS A 129 -28.08 6.51 9.32
N HIS A 130 -27.55 6.14 8.16
CA HIS A 130 -26.27 5.44 8.07
C HIS A 130 -25.17 6.22 8.77
N TYR A 131 -25.10 7.52 8.47
CA TYR A 131 -24.14 8.42 9.10
C TYR A 131 -24.24 8.37 10.62
N ASN A 132 -25.47 8.49 11.13
CA ASN A 132 -25.71 8.53 12.57
C ASN A 132 -25.20 7.27 13.25
N GLU A 133 -25.46 6.13 12.62
CA GLU A 133 -25.07 4.84 13.16
C GLU A 133 -23.54 4.67 13.23
N THR A 134 -22.86 5.02 12.14
CA THR A 134 -21.40 4.82 12.09
C THR A 134 -20.69 5.79 13.02
N LEU A 135 -21.40 6.83 13.45
CA LEU A 135 -20.81 7.86 14.29
C LEU A 135 -20.36 7.27 15.60
N SER A 136 -21.22 6.43 16.17
CA SER A 136 -20.95 5.83 17.46
C SER A 136 -19.84 4.79 17.34
N LYS A 137 -19.72 4.17 16.18
CA LYS A 137 -18.66 3.20 15.94
C LYS A 137 -17.30 3.88 15.85
N TYR A 138 -17.24 5.00 15.13
CA TYR A 138 -16.01 5.80 15.03
C TYR A 138 -15.54 6.30 16.39
N GLU A 139 -16.44 6.88 17.17
CA GLU A 139 -16.06 7.45 18.46
C GLU A 139 -15.69 6.37 19.45
N GLN A 140 -16.16 5.15 19.18
CA GLN A 140 -15.84 3.99 19.99
C GLN A 140 -14.42 3.51 19.71
N LYS A 141 -14.04 3.51 18.44
CA LYS A 141 -12.79 2.89 17.99
C LYS A 141 -11.63 3.87 18.02
N ALA A 142 -11.93 5.15 18.21
CA ALA A 142 -10.91 6.18 18.11
C ALA A 142 -10.04 6.26 19.35
N ASN A 143 -8.73 6.42 19.15
CA ASN A 143 -7.82 6.75 20.23
C ASN A 143 -7.73 8.27 20.39
N PHE A 144 -8.03 8.98 19.31
CA PHE A 144 -8.10 10.44 19.34
C PHE A 144 -9.20 10.90 18.39
N ILE A 145 -10.09 11.77 18.88
CA ILE A 145 -11.18 12.29 18.06
C ILE A 145 -10.87 13.74 17.69
N LEU A 146 -10.81 14.01 16.39
CA LEU A 146 -10.40 15.31 15.89
C LEU A 146 -11.52 15.87 15.02
N ASN A 147 -12.17 16.95 15.50
CA ASN A 147 -13.17 17.59 14.68
C ASN A 147 -12.48 18.44 13.61
N ILE A 148 -12.83 18.22 12.35
CA ILE A 148 -12.10 18.85 11.26
C ILE A 148 -12.80 20.09 10.68
N GLU A 149 -13.95 20.43 11.23
CA GLU A 149 -14.78 21.46 10.62
C GLU A 149 -14.09 22.81 10.61
N ASN A 150 -13.96 23.38 9.42
CA ASN A 150 -13.39 24.72 9.22
C ASN A 150 -11.94 24.89 9.65
N LYS A 151 -11.19 23.79 9.72
CA LYS A 151 -9.78 23.83 10.08
C LYS A 151 -8.93 23.46 8.88
N ASN A 152 -7.89 24.25 8.63
CA ASN A 152 -7.01 23.95 7.52
C ASN A 152 -5.99 22.89 7.90
N ILE A 153 -5.26 22.41 6.91
CA ILE A 153 -4.41 21.25 7.08
C ILE A 153 -3.30 21.49 8.10
N ASP A 154 -2.75 22.71 8.15
CA ASP A 154 -1.66 22.99 9.08
C ASP A 154 -2.14 22.97 10.53
N GLU A 155 -3.37 23.45 10.75
CA GLU A 155 -3.99 23.35 12.06
C GLU A 155 -4.21 21.89 12.46
N LEU A 156 -4.76 21.10 11.53
CA LEU A 156 -4.97 19.67 11.81
C LEU A 156 -3.66 18.93 12.09
N LEU A 157 -2.64 19.16 11.27
CA LEU A 157 -1.34 18.52 11.50
C LEU A 157 -0.74 18.88 12.85
N SER A 158 -0.90 20.15 13.26
CA SER A 158 -0.39 20.57 14.57
C SER A 158 -1.07 19.84 15.70
N GLU A 159 -2.40 19.67 15.62
CA GLU A 159 -3.12 19.00 16.70
C GLU A 159 -2.74 17.52 16.80
N ILE A 160 -2.66 16.86 15.64
CA ILE A 160 -2.25 15.47 15.57
C ILE A 160 -0.84 15.26 16.13
N LYS A 161 0.09 16.12 15.73
CA LYS A 161 1.48 15.98 16.19
C LYS A 161 1.60 16.06 17.70
N LYS A 162 0.85 16.99 18.29
CA LYS A 162 0.80 17.17 19.74
C LYS A 162 0.31 15.89 20.40
N VAL A 163 -0.77 15.34 19.87
CA VAL A 163 -1.37 14.13 20.44
C VAL A 163 -0.42 12.94 20.35
N ILE A 164 0.21 12.76 19.19
CA ILE A 164 1.20 11.70 18.99
C ILE A 164 2.29 11.78 20.06
N LYS A 165 2.81 12.99 20.29
CA LYS A 165 3.86 13.18 21.30
C LYS A 165 3.44 12.72 22.70
N LEU A 166 2.21 13.04 23.10
CA LEU A 166 1.71 12.64 24.41
C LEU A 166 1.68 11.12 24.59
N LYS B 5 5.43 -13.92 4.91
CA LYS B 5 4.47 -14.43 3.93
C LYS B 5 4.07 -13.35 2.93
N ASN B 6 5.05 -12.90 2.14
CA ASN B 6 4.82 -12.05 0.98
C ASN B 6 5.45 -12.72 -0.22
N ILE B 7 4.95 -12.42 -1.42
CA ILE B 7 5.67 -12.74 -2.65
C ILE B 7 6.35 -11.45 -3.10
N VAL B 8 7.65 -11.51 -3.29
CA VAL B 8 8.45 -10.31 -3.56
C VAL B 8 9.22 -10.44 -4.87
N PHE B 9 8.92 -9.55 -5.80
CA PHE B 9 9.56 -9.57 -7.11
C PHE B 9 10.75 -8.65 -7.11
N ILE B 10 11.91 -9.21 -7.46
CA ILE B 10 13.13 -8.42 -7.51
C ILE B 10 13.76 -8.55 -8.90
N GLY B 11 14.54 -7.55 -9.28
CA GLY B 11 15.19 -7.55 -10.58
C GLY B 11 15.40 -6.12 -11.05
N GLU B 12 15.96 -5.98 -12.24
CA GLU B 12 16.33 -4.67 -12.77
C GLU B 12 15.17 -4.02 -13.49
N SER B 13 15.27 -2.72 -13.74
CA SER B 13 14.25 -2.05 -14.52
CA SER B 13 14.25 -2.04 -14.53
C SER B 13 14.15 -2.71 -15.89
N GLY B 14 12.93 -2.86 -16.37
CA GLY B 14 12.73 -3.50 -17.66
C GLY B 14 12.29 -4.94 -17.49
N SER B 15 12.37 -5.46 -16.27
CA SER B 15 12.07 -6.87 -16.03
C SER B 15 10.59 -7.19 -15.85
N GLY B 16 9.75 -6.16 -15.76
CA GLY B 16 8.31 -6.35 -15.70
C GLY B 16 7.76 -6.64 -14.32
N LYS B 17 8.42 -6.11 -13.29
CA LYS B 17 8.05 -6.46 -11.91
C LYS B 17 6.65 -6.00 -11.58
N SER B 18 6.32 -4.77 -11.96
CA SER B 18 5.01 -4.20 -11.65
C SER B 18 3.86 -4.97 -12.30
N THR B 19 4.03 -5.25 -13.59
CA THR B 19 3.00 -5.97 -14.34
C THR B 19 2.72 -7.34 -13.75
N LEU B 20 3.80 -8.08 -13.44
CA LEU B 20 3.66 -9.44 -12.93
C LEU B 20 3.09 -9.48 -11.52
N ALA B 21 3.57 -8.58 -10.67
CA ALA B 21 3.11 -8.54 -9.28
C ALA B 21 1.62 -8.24 -9.22
N ARG B 22 1.17 -7.30 -10.03
CA ARG B 22 -0.25 -6.92 -10.04
C ARG B 22 -1.13 -8.08 -10.45
N ALA B 23 -0.76 -8.75 -11.54
CA ALA B 23 -1.57 -9.84 -12.05
C ALA B 23 -1.60 -10.96 -11.02
N LEU B 24 -0.44 -11.27 -10.45
CA LEU B 24 -0.38 -12.34 -9.45
C LEU B 24 -1.19 -11.97 -8.20
N ALA B 25 -1.14 -10.70 -7.80
CA ALA B 25 -1.89 -10.25 -6.64
C ALA B 25 -3.38 -10.48 -6.87
N LYS B 26 -3.82 -10.19 -8.09
CA LYS B 26 -5.21 -10.34 -8.44
C LYS B 26 -5.62 -11.81 -8.48
N ASP B 27 -4.74 -12.64 -9.04
CA ASP B 27 -5.02 -14.07 -9.14
C ASP B 27 -5.00 -14.81 -7.79
N LEU B 28 -4.01 -14.50 -6.96
CA LEU B 28 -3.86 -15.14 -5.66
C LEU B 28 -4.57 -14.38 -4.53
N ASP B 29 -5.24 -13.29 -4.89
CA ASP B 29 -6.03 -12.48 -3.94
C ASP B 29 -5.13 -11.94 -2.82
N LEU B 30 -4.12 -11.16 -3.20
CA LEU B 30 -3.17 -10.61 -2.24
C LEU B 30 -3.19 -9.09 -2.39
N VAL B 31 -2.63 -8.38 -1.42
CA VAL B 31 -2.52 -6.91 -1.52
C VAL B 31 -1.38 -6.61 -2.49
N PHE B 32 -1.64 -5.82 -3.53
CA PHE B 32 -0.59 -5.40 -4.46
C PHE B 32 0.17 -4.15 -4.01
N LEU B 33 1.48 -4.28 -3.80
CA LEU B 33 2.29 -3.12 -3.43
C LEU B 33 3.35 -2.87 -4.49
N ASP B 34 3.35 -1.65 -5.02
CA ASP B 34 4.35 -1.24 -5.98
C ASP B 34 5.17 -0.12 -5.33
N SER B 35 6.45 -0.42 -5.09
CA SER B 35 7.35 0.47 -4.38
C SER B 35 7.39 1.90 -4.91
N ASP B 36 7.56 2.07 -6.22
CA ASP B 36 7.63 3.39 -6.82
C ASP B 36 6.32 4.14 -6.64
N PHE B 37 5.19 3.43 -6.83
CA PHE B 37 3.87 4.01 -6.62
C PHE B 37 3.70 4.55 -5.19
N LEU B 38 4.13 3.76 -4.21
CA LEU B 38 3.99 4.17 -2.81
C LEU B 38 4.84 5.41 -2.50
N ILE B 39 6.06 5.44 -3.00
CA ILE B 39 6.90 6.61 -2.80
C ILE B 39 6.29 7.84 -3.48
N GLU B 40 5.81 7.66 -4.72
CA GLU B 40 5.23 8.80 -5.44
C GLU B 40 3.93 9.32 -4.82
N GLN B 41 3.13 8.42 -4.26
CA GLN B 41 1.92 8.85 -3.57
C GLN B 41 2.23 9.64 -2.29
N LYS B 42 3.26 9.21 -1.57
CA LYS B 42 3.68 9.89 -0.35
C LYS B 42 4.16 11.32 -0.63
N PHE B 43 4.96 11.50 -1.68
CA PHE B 43 5.54 12.82 -1.96
C PHE B 43 4.76 13.65 -2.98
N ASN B 44 3.74 13.06 -3.58
CA ASN B 44 2.98 13.71 -4.66
C ASN B 44 3.93 14.25 -5.72
N GLN B 45 4.89 13.42 -6.12
CA GLN B 45 6.00 13.85 -6.95
C GLN B 45 6.57 12.60 -7.61
N LYS B 46 6.96 12.70 -8.87
CA LYS B 46 7.62 11.58 -9.54
C LYS B 46 8.93 11.25 -8.85
N ALA B 47 9.32 9.98 -8.86
CA ALA B 47 10.50 9.52 -8.14
C ALA B 47 11.77 10.27 -8.53
N SER B 48 11.94 10.50 -9.83
CA SER B 48 13.10 11.23 -10.32
C SER B 48 13.17 12.65 -9.78
N GLU B 49 12.00 13.26 -9.58
CA GLU B 49 11.92 14.60 -9.01
C GLU B 49 12.29 14.56 -7.52
N ILE B 50 11.92 13.49 -6.85
CA ILE B 50 12.30 13.29 -5.46
C ILE B 50 13.82 13.19 -5.35
N TRP B 51 14.41 12.33 -6.16
CA TRP B 51 15.86 12.19 -6.22
C TRP B 51 16.59 13.53 -6.43
N GLU B 52 16.08 14.32 -7.37
CA GLU B 52 16.71 15.60 -7.71
C GLU B 52 16.52 16.64 -6.60
N GLN B 53 15.39 16.61 -5.92
CA GLN B 53 15.13 17.60 -4.90
C GLN B 53 15.88 17.31 -3.60
N TYR B 54 15.89 16.05 -3.17
CA TYR B 54 16.36 15.72 -1.83
C TYR B 54 17.74 15.06 -1.77
N GLY B 55 18.22 14.57 -2.89
CA GLY B 55 19.55 13.98 -2.92
C GLY B 55 19.50 12.48 -2.83
N TRP B 56 20.57 11.84 -3.30
CA TRP B 56 20.62 10.39 -3.41
C TRP B 56 20.57 9.73 -2.03
N ASN B 57 21.17 10.37 -1.03
CA ASN B 57 21.15 9.83 0.31
C ASN B 57 19.73 9.76 0.91
N PHE B 58 18.98 10.85 0.82
CA PHE B 58 17.55 10.82 1.21
C PHE B 58 16.76 9.77 0.41
N ALA B 59 17.03 9.67 -0.88
CA ALA B 59 16.28 8.75 -1.74
C ALA B 59 16.53 7.31 -1.31
N LEU B 60 17.78 7.02 -0.98
CA LEU B 60 18.15 5.68 -0.55
C LEU B 60 17.53 5.34 0.80
N GLU B 61 17.44 6.34 1.67
CA GLU B 61 16.75 6.18 2.95
C GLU B 61 15.30 5.83 2.75
N GLN B 62 14.66 6.47 1.77
CA GLN B 62 13.27 6.13 1.48
C GLN B 62 13.17 4.69 0.97
N GLU B 63 14.15 4.27 0.18
CA GLU B 63 14.15 2.91 -0.34
C GLU B 63 14.28 1.91 0.83
N GLN B 64 15.13 2.25 1.78
CA GLN B 64 15.31 1.39 2.96
C GLN B 64 14.04 1.32 3.80
N LYS B 65 13.35 2.46 3.93
CA LYS B 65 12.10 2.48 4.70
C LYS B 65 11.07 1.61 4.01
N ALA B 67 11.78 -1.03 2.16
CA ALA B 67 12.22 -2.41 2.38
C ALA B 67 11.86 -2.88 3.78
N ASP B 68 12.04 -2.01 4.77
CA ASP B 68 11.66 -2.36 6.14
C ASP B 68 10.16 -2.58 6.21
N PHE B 69 9.41 -1.72 5.52
CA PHE B 69 7.96 -1.85 5.49
C PHE B 69 7.54 -3.18 4.88
N PHE B 70 8.19 -3.58 3.78
CA PHE B 70 7.90 -4.86 3.14
C PHE B 70 8.15 -6.03 4.10
N SER B 71 9.22 -5.93 4.89
CA SER B 71 9.54 -6.97 5.87
C SER B 71 8.55 -7.06 7.04
N SER B 72 7.73 -6.04 7.21
N SER B 72 7.73 -6.02 7.19
CA SER B 72 6.80 -6.04 8.34
CA SER B 72 6.80 -5.90 8.31
C SER B 72 5.45 -6.64 7.98
C SER B 72 5.39 -6.39 8.01
N CYS B 73 5.05 -6.53 6.72
CA CYS B 73 3.69 -6.88 6.37
C CYS B 73 3.54 -8.34 5.94
N GLU B 74 2.28 -8.74 5.72
CA GLU B 74 1.97 -10.13 5.33
C GLU B 74 0.90 -10.11 4.26
N LYS B 75 0.88 -11.17 3.46
CA LYS B 75 -0.16 -11.40 2.46
C LYS B 75 -0.18 -10.34 1.37
N ALA B 76 1.02 -9.90 0.99
CA ALA B 76 1.19 -8.92 -0.08
C ALA B 76 1.95 -9.52 -1.27
N CYS B 77 1.75 -8.90 -2.43
CA CYS B 77 2.50 -9.22 -3.63
C CYS B 77 3.19 -7.93 -4.06
N ILE B 78 4.52 -7.96 -4.06
CA ILE B 78 5.31 -6.74 -4.02
C ILE B 78 6.23 -6.57 -5.20
N ALA B 79 6.07 -5.47 -5.93
CA ALA B 79 7.06 -5.12 -6.94
C ALA B 79 8.05 -4.11 -6.33
N THR B 80 9.31 -4.54 -6.20
CA THR B 80 10.35 -3.70 -5.63
C THR B 80 11.02 -2.80 -6.67
N SER B 81 11.74 -1.80 -6.22
CA SER B 81 12.36 -0.82 -7.11
C SER B 81 13.74 -1.29 -7.58
N GLY B 82 14.38 -0.51 -8.45
CA GLY B 82 15.73 -0.81 -8.90
C GLY B 82 16.79 -0.64 -7.83
N SER B 83 16.40 -0.02 -6.72
CA SER B 83 17.32 0.22 -5.60
C SER B 83 17.23 -0.85 -4.52
N PHE B 84 16.20 -1.68 -4.58
CA PHE B 84 15.90 -2.63 -3.50
C PHE B 84 17.09 -3.54 -3.22
N VAL B 85 17.81 -3.88 -4.30
CA VAL B 85 18.89 -4.85 -4.22
C VAL B 85 20.03 -4.36 -3.30
N ASN B 86 20.15 -3.04 -3.17
CA ASN B 86 21.23 -2.46 -2.38
C ASN B 86 20.88 -2.18 -0.90
N VAL B 87 19.63 -2.38 -0.49
CA VAL B 87 19.27 -2.17 0.91
C VAL B 87 19.83 -3.25 1.84
N SER B 88 19.67 -3.04 3.15
CA SER B 88 20.15 -3.99 4.16
C SER B 88 19.19 -5.17 4.35
N ASN B 89 19.67 -6.38 4.04
CA ASN B 89 18.91 -7.62 4.20
C ASN B 89 17.56 -7.64 3.47
N LEU B 90 17.61 -7.53 2.15
CA LEU B 90 16.39 -7.40 1.36
C LEU B 90 15.61 -8.71 1.20
N GLU B 91 16.27 -9.83 1.49
CA GLU B 91 15.67 -11.15 1.43
C GLU B 91 14.60 -11.37 2.52
N LYS B 92 14.56 -10.48 3.50
CA LYS B 92 13.62 -10.59 4.62
CA LYS B 92 13.62 -10.59 4.60
C LYS B 92 12.23 -10.08 4.24
N ALA B 93 12.06 -9.68 2.99
CA ALA B 93 10.79 -9.15 2.53
C ALA B 93 9.76 -10.27 2.30
N GLY B 94 10.23 -11.50 2.13
CA GLY B 94 9.35 -12.63 1.88
C GLY B 94 9.97 -13.59 0.85
N PHE B 95 9.13 -14.35 0.15
CA PHE B 95 9.60 -15.28 -0.89
C PHE B 95 9.98 -14.49 -2.14
N CYS B 96 11.29 -14.42 -2.42
CA CYS B 96 11.77 -13.57 -3.51
C CYS B 96 11.88 -14.27 -4.86
N ILE B 97 11.24 -13.68 -5.86
CA ILE B 97 11.35 -14.14 -7.24
C ILE B 97 12.17 -13.15 -8.03
N TYR B 98 13.34 -13.60 -8.49
CA TYR B 98 14.23 -12.78 -9.28
C TYR B 98 13.84 -12.91 -10.75
N LEU B 99 13.43 -11.80 -11.35
CA LEU B 99 13.10 -11.79 -12.77
C LEU B 99 14.37 -11.49 -13.55
N LYS B 100 14.94 -12.54 -14.15
CA LYS B 100 16.29 -12.48 -14.72
C LYS B 100 16.29 -12.32 -16.23
N ALA B 101 17.08 -11.36 -16.72
CA ALA B 101 17.32 -11.23 -18.14
C ALA B 101 18.61 -10.47 -18.33
N ASP B 102 19.24 -10.62 -19.50
CA ASP B 102 20.48 -9.89 -19.75
C ASP B 102 20.26 -8.39 -20.04
N PHE B 103 21.35 -7.65 -20.06
CA PHE B 103 21.28 -6.19 -20.09
C PHE B 103 20.61 -5.68 -21.36
N GLU B 104 20.96 -6.29 -22.49
CA GLU B 104 20.40 -5.88 -23.77
C GLU B 104 18.88 -6.11 -23.81
N TYR B 105 18.43 -7.20 -23.21
CA TYR B 105 17.02 -7.55 -23.20
C TYR B 105 16.23 -6.52 -22.39
N LEU B 106 16.78 -6.16 -21.24
CA LEU B 106 16.12 -5.22 -20.33
C LEU B 106 16.14 -3.84 -20.95
N LYS B 107 17.22 -3.53 -21.66
CA LYS B 107 17.41 -2.17 -22.17
C LYS B 107 16.33 -1.83 -23.20
N LYS B 108 15.94 -2.83 -23.98
CA LYS B 108 14.96 -2.65 -25.03
C LYS B 108 13.54 -2.48 -24.50
N ARG B 109 13.36 -2.74 -23.22
CA ARG B 109 12.02 -2.81 -22.66
C ARG B 109 11.83 -1.72 -21.63
N LEU B 110 12.72 -0.74 -21.66
CA LEU B 110 12.64 0.41 -20.77
C LEU B 110 11.97 1.58 -21.47
N ILE B 125 27.94 3.58 -19.91
CA ILE B 125 26.93 4.21 -19.07
C ILE B 125 27.03 3.65 -17.65
N LYS B 126 26.46 4.38 -16.69
CA LYS B 126 26.51 3.97 -15.29
C LYS B 126 25.60 2.76 -15.02
N TRP B 127 24.51 2.66 -15.77
CA TRP B 127 23.55 1.57 -15.59
C TRP B 127 24.23 0.21 -15.76
N LYS B 128 25.05 0.08 -16.80
CA LYS B 128 25.76 -1.16 -17.07
C LYS B 128 26.64 -1.54 -15.87
N LYS B 129 27.30 -0.54 -15.30
CA LYS B 129 28.15 -0.73 -14.13
C LYS B 129 27.33 -1.27 -12.97
N HIS B 130 26.18 -0.66 -12.72
CA HIS B 130 25.26 -1.12 -11.69
C HIS B 130 24.83 -2.56 -11.96
N TYR B 131 24.48 -2.84 -13.21
CA TYR B 131 23.97 -4.13 -13.62
C TYR B 131 25.03 -5.22 -13.39
N ASN B 132 26.26 -4.95 -13.81
CA ASN B 132 27.36 -5.91 -13.66
C ASN B 132 27.64 -6.30 -12.21
N GLU B 133 27.62 -5.31 -11.32
CA GLU B 133 27.99 -5.52 -9.93
C GLU B 133 26.83 -6.05 -9.09
N THR B 134 25.62 -6.00 -9.63
CA THR B 134 24.43 -6.36 -8.85
C THR B 134 23.89 -7.74 -9.17
N LEU B 135 24.34 -8.33 -10.29
CA LEU B 135 23.85 -9.63 -10.74
C LEU B 135 23.97 -10.67 -9.64
N SER B 136 25.08 -10.64 -8.92
CA SER B 136 25.37 -11.67 -7.92
C SER B 136 24.47 -11.53 -6.71
N LYS B 137 24.14 -10.30 -6.36
CA LYS B 137 23.24 -10.03 -5.24
C LYS B 137 21.84 -10.56 -5.50
N TYR B 138 21.36 -10.42 -6.73
CA TYR B 138 20.02 -10.89 -7.06
C TYR B 138 19.95 -12.40 -6.94
N GLU B 139 20.96 -13.08 -7.47
CA GLU B 139 20.98 -14.53 -7.49
C GLU B 139 21.05 -15.12 -6.09
N GLN B 140 21.77 -14.43 -5.20
CA GLN B 140 21.88 -14.84 -3.80
C GLN B 140 20.59 -14.66 -3.01
N LYS B 141 19.90 -13.55 -3.23
CA LYS B 141 18.70 -13.23 -2.47
C LYS B 141 17.47 -13.98 -2.96
N ALA B 142 17.47 -14.35 -4.24
CA ALA B 142 16.32 -15.05 -4.83
C ALA B 142 16.00 -16.37 -4.13
N ASN B 143 14.72 -16.64 -3.91
CA ASN B 143 14.27 -17.97 -3.57
C ASN B 143 14.05 -18.76 -4.84
N PHE B 144 13.65 -18.05 -5.89
CA PHE B 144 13.43 -18.65 -7.20
C PHE B 144 13.91 -17.72 -8.30
N ILE B 145 14.74 -18.24 -9.20
CA ILE B 145 15.23 -17.44 -10.32
C ILE B 145 14.42 -17.79 -11.55
N LEU B 146 13.76 -16.79 -12.12
CA LEU B 146 12.90 -16.99 -13.27
C LEU B 146 13.48 -16.26 -14.46
N ASN B 147 13.96 -17.01 -15.46
CA ASN B 147 14.43 -16.38 -16.69
C ASN B 147 13.23 -15.91 -17.48
N ILE B 148 13.11 -14.60 -17.66
CA ILE B 148 11.90 -14.04 -18.27
C ILE B 148 11.99 -13.88 -19.78
N GLU B 149 13.17 -14.11 -20.36
CA GLU B 149 13.35 -13.78 -21.76
C GLU B 149 12.42 -14.57 -22.69
N ASN B 150 11.77 -13.86 -23.58
CA ASN B 150 10.90 -14.47 -24.60
C ASN B 150 9.73 -15.25 -24.04
N LYS B 151 9.25 -14.87 -22.85
CA LYS B 151 8.06 -15.50 -22.29
C LYS B 151 6.95 -14.47 -22.16
N ASN B 152 5.73 -14.85 -22.50
CA ASN B 152 4.56 -13.97 -22.32
C ASN B 152 4.09 -14.00 -20.87
N ILE B 153 3.15 -13.14 -20.51
CA ILE B 153 2.73 -13.02 -19.12
C ILE B 153 2.08 -14.30 -18.55
N ASP B 154 1.31 -15.01 -19.37
CA ASP B 154 0.64 -16.23 -18.91
C ASP B 154 1.63 -17.38 -18.64
N GLU B 155 2.64 -17.51 -19.48
CA GLU B 155 3.73 -18.45 -19.23
C GLU B 155 4.41 -18.15 -17.89
N LEU B 156 4.77 -16.87 -17.71
CA LEU B 156 5.44 -16.42 -16.48
C LEU B 156 4.55 -16.70 -15.26
N LEU B 157 3.27 -16.33 -15.35
CA LEU B 157 2.36 -16.55 -14.23
C LEU B 157 2.21 -18.05 -13.91
N SER B 158 2.17 -18.88 -14.95
CA SER B 158 2.05 -20.33 -14.78
C SER B 158 3.23 -20.88 -13.98
N GLU B 159 4.43 -20.45 -14.36
CA GLU B 159 5.65 -20.92 -13.71
C GLU B 159 5.68 -20.46 -12.26
N ILE B 160 5.27 -19.22 -12.05
CA ILE B 160 5.28 -18.64 -10.69
C ILE B 160 4.24 -19.35 -9.81
N LYS B 161 3.06 -19.58 -10.35
CA LYS B 161 2.00 -20.27 -9.59
C LYS B 161 2.39 -21.69 -9.20
N LYS B 162 3.09 -22.39 -10.10
CA LYS B 162 3.62 -23.72 -9.79
C LYS B 162 4.62 -23.65 -8.64
N VAL B 163 5.55 -22.71 -8.71
CA VAL B 163 6.56 -22.55 -7.68
C VAL B 163 5.94 -22.24 -6.32
N ILE B 164 4.92 -21.38 -6.32
CA ILE B 164 4.23 -21.06 -5.08
C ILE B 164 3.46 -22.28 -4.55
N LYS B 165 2.81 -23.04 -5.43
CA LYS B 165 2.14 -24.27 -5.00
C LYS B 165 3.14 -25.26 -4.41
N LEU B 166 4.32 -25.36 -5.01
CA LEU B 166 5.34 -26.26 -4.51
C LEU B 166 5.79 -25.81 -3.13
N GLU B 167 5.84 -24.50 -2.92
CA GLU B 167 6.20 -23.96 -1.62
C GLU B 167 5.15 -24.34 -0.57
N HIS B 168 3.89 -24.08 -0.91
CA HIS B 168 2.78 -24.36 0.00
C HIS B 168 2.37 -25.84 0.02
N HIS B 169 3.18 -26.68 -0.61
CA HIS B 169 2.94 -28.12 -0.57
C HIS B 169 3.87 -28.78 0.45
N HIS B 170 4.80 -28.02 1.01
CA HIS B 170 5.90 -28.63 1.76
C HIS B 170 6.01 -28.38 3.27
N HIS B 171 4.99 -28.63 4.09
CA HIS B 171 3.65 -29.03 3.67
C HIS B 171 2.77 -27.80 3.63
N HIS B 172 2.23 -27.40 4.79
CA HIS B 172 1.35 -26.24 4.92
C HIS B 172 0.30 -26.13 3.82
#